data_3IE7
#
_entry.id   3IE7
#
_cell.length_a   146.108
_cell.length_b   46.244
_cell.length_c   57.762
_cell.angle_alpha   90.00
_cell.angle_beta   102.08
_cell.angle_gamma   90.00
#
_symmetry.space_group_name_H-M   'C 1 2 1'
#
loop_
_entity.id
_entity.type
_entity.pdbx_description
1 polymer 'Lin2199 protein'
2 non-polymer "ADENOSINE-5'-TRIPHOSPHATE"
3 non-polymer 'MAGNESIUM ION'
4 non-polymer GLYCEROL
5 water water
#
_entity_poly.entity_id   1
_entity_poly.type   'polypeptide(L)'
_entity_poly.pdbx_seq_one_letter_code
;(MSE)SLIYTITLNPAIDRLLFIRGELEKRKTNRVIKTEFDCGGKGLHVSGVLSKFGIKNEALGIAGSDNLDKLYAILKE
KHINHDFLVEAGTSTRECFVVLSDDTNGST(MSE)IPEAGFTVSQTNKDNLLKQIAKKVKKED(MSE)VVIAGSPPPHYT
LSDFKELLRTVKATGAFLGCDNSGEYLNLAVE(MSE)GVDFIKPNEDEVIAILDEKTNSLEENIRTLAEKIPYLVVSLGA
KGSICAHNGKLYQVIPPKVQERNDTGAGDVFVGAFIAGLA(MSE)N(MSE)PITETLKVATGCSASKV(MSE)QQDSSSF
DLEAAGKLKNQVSIIQLEEREGHHHHHH
;
_entity_poly.pdbx_strand_id   A
#
loop_
_chem_comp.id
_chem_comp.type
_chem_comp.name
_chem_comp.formula
ATP non-polymer ADENOSINE-5'-TRIPHOSPHATE 'C10 H16 N5 O13 P3'
GOL non-polymer GLYCEROL 'C3 H8 O3'
MG non-polymer 'MAGNESIUM ION' 'Mg 2'
#
# COMPACT_ATOMS: atom_id res chain seq x y z
N SER A 2 -17.60 9.77 8.39
CA SER A 2 -16.83 8.57 7.94
C SER A 2 -15.34 8.90 7.92
N LEU A 3 -14.52 7.86 7.90
CA LEU A 3 -13.08 8.04 7.91
C LEU A 3 -12.42 6.81 7.30
N ILE A 4 -11.16 6.97 6.91
CA ILE A 4 -10.40 5.87 6.36
C ILE A 4 -9.32 5.46 7.36
N TYR A 5 -9.23 4.16 7.62
CA TYR A 5 -8.24 3.63 8.54
C TYR A 5 -7.29 2.76 7.75
N THR A 6 -6.00 2.85 8.05
CA THR A 6 -5.03 1.97 7.41
C THR A 6 -4.50 1.12 8.55
N ILE A 7 -4.13 -0.11 8.23
CA ILE A 7 -3.60 -1.00 9.24
C ILE A 7 -2.23 -1.48 8.78
N THR A 8 -1.22 -1.16 9.56
CA THR A 8 0.16 -1.55 9.26
C THR A 8 0.63 -2.45 10.39
N LEU A 9 0.59 -3.76 10.13
CA LEU A 9 1.00 -4.74 11.13
C LEU A 9 2.52 -4.76 11.31
N ASN A 10 3.25 -4.31 10.30
CA ASN A 10 4.71 -4.33 10.36
C ASN A 10 5.29 -2.99 9.93
N PRO A 11 5.08 -1.93 10.74
CA PRO A 11 5.61 -0.62 10.39
C PRO A 11 7.14 -0.60 10.38
N ALA A 12 7.69 0.45 9.78
CA ALA A 12 9.13 0.59 9.71
C ALA A 12 9.51 2.06 9.64
N ILE A 13 10.80 2.31 9.84
CA ILE A 13 11.35 3.64 9.71
C ILE A 13 12.32 3.44 8.57
N ASP A 14 12.11 4.15 7.47
CA ASP A 14 13.00 4.02 6.33
C ASP A 14 14.09 5.06 6.41
N ARG A 15 15.33 4.61 6.28
CA ARG A 15 16.47 5.52 6.28
C ARG A 15 17.01 5.51 4.86
N LEU A 16 16.88 6.63 4.16
CA LEU A 16 17.38 6.73 2.81
C LEU A 16 18.83 7.16 2.86
N LEU A 17 19.70 6.34 2.30
CA LEU A 17 21.13 6.59 2.29
C LEU A 17 21.57 6.95 0.87
N PHE A 18 21.84 8.24 0.66
CA PHE A 18 22.26 8.74 -0.65
C PHE A 18 23.77 8.64 -0.86
N ILE A 19 24.17 7.94 -1.91
CA ILE A 19 25.58 7.77 -2.22
C ILE A 19 25.85 8.28 -3.64
N ARG A 20 27.10 8.20 -4.07
CA ARG A 20 27.46 8.63 -5.42
C ARG A 20 27.54 7.40 -6.31
N GLY A 21 26.89 7.47 -7.48
CA GLY A 21 26.92 6.35 -8.40
C GLY A 21 26.27 5.09 -7.90
N GLU A 22 26.69 3.95 -8.46
CA GLU A 22 26.16 2.64 -8.10
C GLU A 22 26.66 2.13 -6.75
N LEU A 23 25.87 1.26 -6.14
CA LEU A 23 26.22 0.65 -4.86
C LEU A 23 27.13 -0.52 -5.16
N GLU A 24 28.42 -0.37 -4.86
CA GLU A 24 29.40 -1.42 -5.12
C GLU A 24 29.63 -2.29 -3.90
N LYS A 25 29.31 -3.58 -4.02
CA LYS A 25 29.50 -4.50 -2.89
C LYS A 25 30.99 -4.69 -2.63
N ARG A 26 31.33 -5.04 -1.40
CA ARG A 26 32.73 -5.25 -1.01
C ARG A 26 33.57 -3.98 -1.16
N LYS A 27 32.90 -2.85 -1.26
CA LYS A 27 33.57 -1.56 -1.38
C LYS A 27 32.96 -0.59 -0.37
N THR A 28 33.62 0.55 -0.17
CA THR A 28 33.12 1.57 0.75
C THR A 28 32.28 2.56 -0.04
N ASN A 29 31.02 2.69 0.34
CA ASN A 29 30.10 3.60 -0.33
C ASN A 29 29.73 4.73 0.64
N ARG A 30 30.45 5.83 0.54
CA ARG A 30 30.21 6.97 1.43
C ARG A 30 28.82 7.57 1.24
N VAL A 31 28.15 7.86 2.36
CA VAL A 31 26.81 8.44 2.33
C VAL A 31 26.91 9.96 2.25
N ILE A 32 26.31 10.54 1.21
CA ILE A 32 26.32 11.99 1.01
C ILE A 32 25.33 12.68 1.95
N LYS A 33 24.19 12.03 2.16
CA LYS A 33 23.17 12.56 3.05
C LYS A 33 22.21 11.46 3.45
N THR A 34 21.51 11.68 4.56
CA THR A 34 20.55 10.72 5.09
C THR A 34 19.20 11.40 5.28
N GLU A 35 18.15 10.73 4.83
CA GLU A 35 16.79 11.25 4.99
C GLU A 35 15.93 10.12 5.57
N PHE A 36 14.82 10.50 6.20
CA PHE A 36 13.93 9.52 6.82
C PHE A 36 12.52 9.60 6.25
N ASP A 37 11.87 8.43 6.23
CA ASP A 37 10.50 8.33 5.74
C ASP A 37 9.87 7.21 6.56
N CYS A 38 8.56 7.08 6.52
CA CYS A 38 7.93 6.01 7.28
C CYS A 38 7.90 4.75 6.42
N GLY A 39 7.91 3.60 7.08
CA GLY A 39 7.89 2.34 6.37
C GLY A 39 6.63 1.57 6.71
N GLY A 40 6.35 0.53 5.93
CA GLY A 40 5.15 -0.23 6.16
C GLY A 40 4.16 0.31 5.16
N LYS A 41 3.61 -0.58 4.33
CA LYS A 41 2.68 -0.20 3.27
C LYS A 41 1.49 0.63 3.73
N GLY A 42 0.88 0.24 4.84
CA GLY A 42 -0.27 0.98 5.34
C GLY A 42 0.06 2.43 5.65
N LEU A 43 1.27 2.68 6.15
CA LEU A 43 1.68 4.04 6.48
C LEU A 43 1.89 4.87 5.21
N HIS A 44 2.38 4.22 4.16
CA HIS A 44 2.57 4.90 2.89
C HIS A 44 1.20 5.29 2.35
N VAL A 45 0.22 4.41 2.52
CA VAL A 45 -1.12 4.70 2.05
C VAL A 45 -1.69 5.88 2.83
N SER A 46 -1.43 5.91 4.14
CA SER A 46 -1.89 7.02 4.97
C SER A 46 -1.24 8.32 4.50
N GLY A 47 0.05 8.25 4.16
CA GLY A 47 0.75 9.43 3.69
C GLY A 47 0.11 9.98 2.41
N VAL A 48 -0.29 9.07 1.53
CA VAL A 48 -0.94 9.47 0.28
C VAL A 48 -2.28 10.14 0.55
N LEU A 49 -3.08 9.52 1.40
CA LEU A 49 -4.38 10.06 1.75
C LEU A 49 -4.25 11.45 2.38
N SER A 50 -3.23 11.62 3.22
CA SER A 50 -3.01 12.90 3.85
C SER A 50 -2.62 13.98 2.86
N LYS A 51 -1.95 13.60 1.77
CA LYS A 51 -1.56 14.56 0.75
C LYS A 51 -2.83 15.10 0.08
N PHE A 52 -3.86 14.26 0.00
CA PHE A 52 -5.14 14.65 -0.58
C PHE A 52 -5.92 15.52 0.39
N GLY A 53 -5.61 15.40 1.68
CA GLY A 53 -6.32 16.16 2.68
C GLY A 53 -7.56 15.43 3.20
N ILE A 54 -7.71 14.18 2.78
CA ILE A 54 -8.84 13.35 3.18
C ILE A 54 -8.59 12.75 4.54
N LYS A 55 -9.61 12.79 5.41
CA LYS A 55 -9.50 12.29 6.78
C LYS A 55 -9.11 10.81 6.85
N ASN A 56 -8.06 10.52 7.62
CA ASN A 56 -7.62 9.13 7.77
C ASN A 56 -6.83 8.96 9.06
N GLU A 57 -6.75 7.72 9.54
CA GLU A 57 -6.01 7.42 10.77
C GLU A 57 -5.26 6.11 10.60
N ALA A 58 -4.00 6.10 11.03
CA ALA A 58 -3.17 4.90 10.91
C ALA A 58 -3.20 4.05 12.17
N LEU A 59 -3.45 2.75 11.98
CA LEU A 59 -3.48 1.78 13.07
C LEU A 59 -2.36 0.77 12.87
N GLY A 60 -1.99 0.06 13.94
CA GLY A 60 -0.93 -0.92 13.83
C GLY A 60 -0.19 -1.09 15.15
N ILE A 61 0.92 -1.82 15.11
CA ILE A 61 1.71 -2.05 16.32
C ILE A 61 3.14 -1.58 16.10
N ALA A 62 3.59 -0.63 16.92
CA ALA A 62 4.94 -0.09 16.81
C ALA A 62 5.79 -0.37 18.06
N GLY A 63 7.10 -0.32 17.90
CA GLY A 63 8.01 -0.54 19.01
C GLY A 63 8.13 0.66 19.92
N SER A 64 8.24 0.40 21.21
CA SER A 64 8.33 1.47 22.19
C SER A 64 9.66 2.23 22.20
N ASP A 65 10.75 1.49 21.99
CA ASP A 65 12.09 2.06 22.06
C ASP A 65 12.48 3.17 21.08
N ASN A 66 11.80 3.28 19.95
CA ASN A 66 12.10 4.36 19.02
C ASN A 66 10.79 4.98 18.55
N LEU A 67 9.82 5.00 19.47
CA LEU A 67 8.50 5.55 19.20
C LEU A 67 8.52 7.04 18.87
N ASP A 68 9.31 7.81 19.62
CA ASP A 68 9.39 9.26 19.37
C ASP A 68 9.87 9.53 17.94
N LYS A 69 10.84 8.75 17.48
CA LYS A 69 11.39 8.91 16.13
C LYS A 69 10.31 8.64 15.09
N LEU A 70 9.61 7.53 15.25
CA LEU A 70 8.56 7.16 14.32
C LEU A 70 7.48 8.25 14.28
N TYR A 71 7.05 8.69 15.46
CA TYR A 71 6.02 9.71 15.56
C TYR A 71 6.45 11.04 14.94
N ALA A 72 7.74 11.36 15.06
CA ALA A 72 8.26 12.59 14.49
C ALA A 72 8.16 12.53 12.97
N ILE A 73 8.46 11.36 12.41
CA ILE A 73 8.38 11.16 10.97
C ILE A 73 6.92 11.26 10.51
N LEU A 74 6.03 10.64 11.28
CA LEU A 74 4.61 10.66 10.97
C LEU A 74 4.06 12.08 10.98
N LYS A 75 4.54 12.92 11.90
CA LYS A 75 4.06 14.29 11.96
C LYS A 75 4.54 15.04 10.72
N GLU A 76 5.75 14.73 10.26
CA GLU A 76 6.33 15.37 9.08
C GLU A 76 5.55 14.99 7.84
N LYS A 77 4.84 13.86 7.90
CA LYS A 77 4.04 13.40 6.76
C LYS A 77 2.56 13.71 6.97
N HIS A 78 2.24 14.36 8.08
CA HIS A 78 0.86 14.73 8.39
C HIS A 78 -0.05 13.51 8.54
N ILE A 79 0.51 12.44 9.11
CA ILE A 79 -0.23 11.21 9.31
C ILE A 79 -0.71 11.11 10.76
N ASN A 80 -2.03 11.09 10.94
CA ASN A 80 -2.61 10.95 12.27
C ASN A 80 -2.64 9.47 12.57
N HIS A 81 -2.41 9.10 13.82
CA HIS A 81 -2.36 7.70 14.19
C HIS A 81 -2.84 7.40 15.60
N ASP A 82 -3.03 6.11 15.86
CA ASP A 82 -3.43 5.60 17.17
C ASP A 82 -2.87 4.19 17.24
N PHE A 83 -1.54 4.11 17.20
CA PHE A 83 -0.80 2.85 17.23
C PHE A 83 -0.79 2.20 18.60
N LEU A 84 -0.75 0.87 18.61
CA LEU A 84 -0.63 0.13 19.85
C LEU A 84 0.87 0.06 20.01
N VAL A 85 1.36 -0.05 21.24
CA VAL A 85 2.80 -0.10 21.44
C VAL A 85 3.27 -1.41 22.06
N GLU A 86 4.35 -1.95 21.50
CA GLU A 86 4.94 -3.20 22.00
C GLU A 86 6.15 -2.83 22.84
N ALA A 87 6.06 -3.04 24.15
CA ALA A 87 7.12 -2.71 25.08
C ALA A 87 8.40 -3.51 24.86
N GLY A 88 9.54 -2.86 25.09
CA GLY A 88 10.83 -3.51 24.94
C GLY A 88 11.28 -3.89 23.54
N THR A 89 10.68 -3.28 22.53
CA THR A 89 11.03 -3.59 21.14
C THR A 89 11.20 -2.28 20.37
N SER A 90 11.79 -2.38 19.19
CA SER A 90 12.00 -1.22 18.33
C SER A 90 11.35 -1.47 16.97
N THR A 91 10.73 -0.43 16.42
CA THR A 91 10.12 -0.55 15.11
C THR A 91 11.30 -0.79 14.18
N ARG A 92 11.16 -1.77 13.30
CA ARG A 92 12.20 -2.12 12.34
C ARG A 92 12.65 -0.95 11.47
N GLU A 93 13.90 -1.01 11.02
CA GLU A 93 14.41 0.03 10.13
C GLU A 93 14.74 -0.59 8.79
N CYS A 94 14.33 0.07 7.72
CA CYS A 94 14.59 -0.41 6.36
C CYS A 94 15.56 0.55 5.71
N PHE A 95 16.72 0.05 5.31
CA PHE A 95 17.73 0.88 4.70
C PHE A 95 17.55 0.88 3.19
N VAL A 96 17.44 2.07 2.62
CA VAL A 96 17.25 2.24 1.19
C VAL A 96 18.42 3.05 0.64
N VAL A 97 19.25 2.39 -0.17
CA VAL A 97 20.41 3.02 -0.76
C VAL A 97 20.12 3.50 -2.18
N LEU A 98 20.24 4.81 -2.40
CA LEU A 98 19.99 5.40 -3.71
C LEU A 98 21.00 6.51 -4.00
N SER A 99 20.95 7.02 -5.23
CA SER A 99 21.87 8.07 -5.65
C SER A 99 21.21 9.07 -6.60
N ASP A 100 21.66 10.32 -6.55
CA ASP A 100 21.12 11.35 -7.44
C ASP A 100 21.67 11.11 -8.84
N ASP A 101 22.63 10.18 -8.94
CA ASP A 101 23.27 9.87 -10.21
C ASP A 101 22.63 8.68 -10.94
N THR A 102 21.87 7.88 -10.21
CA THR A 102 21.24 6.70 -10.81
C THR A 102 19.73 6.62 -10.60
N ASN A 103 19.12 5.58 -11.16
CA ASN A 103 17.68 5.36 -11.07
C ASN A 103 17.30 4.26 -10.07
N GLY A 104 18.19 3.30 -9.87
CA GLY A 104 17.88 2.22 -8.97
C GLY A 104 17.70 2.57 -7.51
N SER A 105 17.53 1.53 -6.71
CA SER A 105 17.36 1.65 -5.27
C SER A 105 17.56 0.25 -4.71
N THR A 106 18.47 0.12 -3.74
CA THR A 106 18.74 -1.15 -3.12
C THR A 106 18.11 -1.12 -1.74
N MSE A 107 17.27 -2.09 -1.46
CA MSE A 107 16.58 -2.14 -0.18
C MSE A 107 17.09 -3.24 0.75
O MSE A 107 17.23 -4.39 0.36
CB MSE A 107 15.09 -2.26 -0.44
CG MSE A 107 14.60 -1.07 -1.26
SE MSE A 107 12.87 -1.25 -2.04
CE MSE A 107 11.80 -0.95 -0.46
N ILE A 108 17.40 -2.82 1.97
CA ILE A 108 17.93 -3.70 3.01
C ILE A 108 17.03 -3.54 4.24
N PRO A 109 15.93 -4.30 4.28
CA PRO A 109 14.99 -4.22 5.41
C PRO A 109 15.14 -5.20 6.56
N GLU A 110 14.89 -4.72 7.76
CA GLU A 110 14.92 -5.57 8.95
C GLU A 110 13.53 -6.21 8.96
N ALA A 111 13.44 -7.43 9.49
CA ALA A 111 12.20 -8.20 9.52
C ALA A 111 11.01 -7.70 10.33
N GLY A 112 11.26 -7.14 11.51
CA GLY A 112 10.18 -6.68 12.34
C GLY A 112 10.20 -7.48 13.62
N PHE A 113 9.45 -7.03 14.63
CA PHE A 113 9.43 -7.72 15.91
C PHE A 113 8.25 -8.66 16.11
N THR A 114 8.29 -9.41 17.21
CA THR A 114 7.23 -10.36 17.53
C THR A 114 6.16 -9.66 18.35
N VAL A 115 4.96 -9.58 17.78
CA VAL A 115 3.85 -8.94 18.47
C VAL A 115 3.29 -9.86 19.54
N SER A 116 3.06 -9.29 20.72
CA SER A 116 2.53 -10.06 21.85
C SER A 116 1.07 -10.39 21.59
N GLN A 117 0.59 -11.50 22.16
CA GLN A 117 -0.80 -11.89 21.97
C GLN A 117 -1.69 -10.77 22.48
N THR A 118 -1.27 -10.13 23.57
CA THR A 118 -2.05 -9.05 24.15
C THR A 118 -2.27 -7.93 23.14
N ASN A 119 -1.24 -7.60 22.37
CA ASN A 119 -1.41 -6.54 21.36
C ASN A 119 -2.19 -7.00 20.15
N LYS A 120 -2.09 -8.29 19.81
CA LYS A 120 -2.86 -8.81 18.67
C LYS A 120 -4.32 -8.67 19.07
N ASP A 121 -4.61 -9.03 20.31
CA ASP A 121 -5.97 -8.95 20.82
C ASP A 121 -6.42 -7.50 20.96
N ASN A 122 -5.51 -6.62 21.38
CA ASN A 122 -5.86 -5.21 21.56
C ASN A 122 -6.23 -4.55 20.23
N LEU A 123 -5.55 -4.95 19.15
CA LEU A 123 -5.86 -4.37 17.84
C LEU A 123 -7.28 -4.72 17.44
N LEU A 124 -7.69 -5.96 17.70
CA LEU A 124 -9.04 -6.40 17.35
C LEU A 124 -10.08 -5.63 18.16
N LYS A 125 -9.82 -5.47 19.45
CA LYS A 125 -10.75 -4.74 20.30
C LYS A 125 -10.80 -3.27 19.87
N GLN A 126 -9.65 -2.74 19.48
CA GLN A 126 -9.57 -1.34 19.04
C GLN A 126 -10.40 -1.15 17.77
N ILE A 127 -10.26 -2.06 16.83
CA ILE A 127 -11.02 -1.98 15.58
C ILE A 127 -12.52 -2.06 15.84
N ALA A 128 -12.92 -2.98 16.71
CA ALA A 128 -14.33 -3.17 17.04
C ALA A 128 -14.99 -1.93 17.61
N LYS A 129 -14.23 -1.17 18.40
CA LYS A 129 -14.77 0.04 19.02
C LYS A 129 -14.62 1.30 18.18
N LYS A 130 -13.63 1.31 17.30
CA LYS A 130 -13.35 2.47 16.44
C LYS A 130 -14.10 2.54 15.12
N VAL A 131 -13.95 1.48 14.34
CA VAL A 131 -14.52 1.40 13.01
C VAL A 131 -16.03 1.23 12.89
N LYS A 132 -16.63 2.08 12.09
CA LYS A 132 -18.07 2.05 11.85
C LYS A 132 -18.34 1.56 10.44
N LYS A 133 -19.57 1.14 10.18
CA LYS A 133 -19.91 0.62 8.86
C LYS A 133 -19.70 1.60 7.71
N GLU A 134 -19.78 2.90 7.99
CA GLU A 134 -19.60 3.89 6.94
C GLU A 134 -18.12 4.18 6.66
N ASP A 135 -17.22 3.57 7.43
CA ASP A 135 -15.80 3.80 7.25
C ASP A 135 -15.18 2.89 6.20
N MSE A 136 -13.90 3.12 5.92
CA MSE A 136 -13.14 2.30 4.98
C MSE A 136 -11.88 1.86 5.72
O MSE A 136 -11.30 2.63 6.49
CB MSE A 136 -12.76 3.10 3.73
CG MSE A 136 -13.94 3.58 2.92
SE MSE A 136 -13.32 4.60 1.39
CE MSE A 136 -12.97 3.15 0.20
N VAL A 137 -11.47 0.63 5.51
CA VAL A 137 -10.28 0.09 6.17
C VAL A 137 -9.37 -0.51 5.11
N VAL A 138 -8.10 -0.12 5.15
CA VAL A 138 -7.14 -0.66 4.20
C VAL A 138 -6.02 -1.36 4.93
N ILE A 139 -5.88 -2.66 4.69
CA ILE A 139 -4.80 -3.43 5.30
C ILE A 139 -3.78 -3.57 4.19
N ALA A 140 -2.52 -3.18 4.45
CA ALA A 140 -1.50 -3.28 3.42
C ALA A 140 -0.16 -3.70 4.02
N GLY A 141 0.55 -4.58 3.33
CA GLY A 141 1.84 -5.03 3.81
C GLY A 141 1.74 -6.38 4.50
N SER A 142 2.80 -7.17 4.43
CA SER A 142 2.81 -8.49 5.05
C SER A 142 2.93 -8.39 6.57
N PRO A 143 2.34 -9.35 7.29
CA PRO A 143 2.42 -9.32 8.76
C PRO A 143 3.84 -9.55 9.23
N PRO A 144 4.14 -9.12 10.46
CA PRO A 144 5.49 -9.28 11.03
C PRO A 144 5.71 -10.76 11.36
N PRO A 145 6.95 -11.12 11.73
CA PRO A 145 7.24 -12.52 12.06
C PRO A 145 6.32 -13.07 13.15
N HIS A 146 5.82 -14.28 12.92
CA HIS A 146 4.96 -14.97 13.86
C HIS A 146 3.53 -14.46 13.97
N TYR A 147 3.13 -13.60 13.04
CA TYR A 147 1.75 -13.11 12.99
C TYR A 147 1.20 -14.06 11.93
N THR A 148 0.60 -15.14 12.41
CA THR A 148 0.08 -16.22 11.57
C THR A 148 -1.11 -15.96 10.66
N LEU A 149 -1.39 -16.94 9.81
CA LEU A 149 -2.52 -16.88 8.90
C LEU A 149 -3.78 -16.86 9.73
N SER A 150 -3.74 -17.58 10.85
CA SER A 150 -4.88 -17.65 11.75
C SER A 150 -5.11 -16.26 12.36
N ASP A 151 -4.03 -15.59 12.74
CA ASP A 151 -4.15 -14.26 13.32
C ASP A 151 -4.74 -13.30 12.29
N PHE A 152 -4.29 -13.41 11.04
CA PHE A 152 -4.77 -12.55 9.97
C PHE A 152 -6.24 -12.81 9.70
N LYS A 153 -6.64 -14.07 9.76
CA LYS A 153 -8.02 -14.43 9.56
C LYS A 153 -8.88 -13.71 10.59
N GLU A 154 -8.45 -13.73 11.86
CA GLU A 154 -9.19 -13.07 12.93
C GLU A 154 -9.31 -11.57 12.66
N LEU A 155 -8.22 -10.99 12.17
CA LEU A 155 -8.19 -9.57 11.85
C LEU A 155 -9.21 -9.25 10.76
N LEU A 156 -9.18 -10.00 9.67
CA LEU A 156 -10.11 -9.78 8.57
C LEU A 156 -11.55 -9.93 9.05
N ARG A 157 -11.80 -10.95 9.86
CA ARG A 157 -13.14 -11.20 10.37
C ARG A 157 -13.62 -10.05 11.26
N THR A 158 -12.73 -9.53 12.09
CA THR A 158 -13.06 -8.42 12.97
C THR A 158 -13.46 -7.20 12.15
N VAL A 159 -12.71 -6.94 11.07
CA VAL A 159 -13.02 -5.81 10.22
C VAL A 159 -14.35 -6.04 9.51
N LYS A 160 -14.57 -7.27 9.02
CA LYS A 160 -15.81 -7.57 8.33
C LYS A 160 -17.05 -7.36 9.21
N ALA A 161 -16.92 -7.69 10.48
CA ALA A 161 -18.05 -7.53 11.40
C ALA A 161 -18.49 -6.08 11.59
N THR A 162 -17.59 -5.13 11.35
CA THR A 162 -17.92 -3.71 11.50
C THR A 162 -18.78 -3.21 10.34
N GLY A 163 -18.75 -3.93 9.22
CA GLY A 163 -19.52 -3.55 8.05
C GLY A 163 -18.76 -2.59 7.15
N ALA A 164 -17.58 -2.15 7.59
CA ALA A 164 -16.79 -1.22 6.81
C ALA A 164 -16.28 -1.79 5.49
N PHE A 165 -16.00 -0.89 4.55
CA PHE A 165 -15.43 -1.27 3.26
C PHE A 165 -14.05 -1.82 3.64
N LEU A 166 -13.63 -2.92 3.03
CA LEU A 166 -12.34 -3.52 3.35
C LEU A 166 -11.49 -3.73 2.10
N GLY A 167 -10.31 -3.10 2.09
CA GLY A 167 -9.39 -3.23 0.98
C GLY A 167 -8.13 -3.88 1.49
N CYS A 168 -7.56 -4.78 0.69
CA CYS A 168 -6.34 -5.47 1.09
C CYS A 168 -5.30 -5.46 0.00
N ASP A 169 -4.12 -4.93 0.29
CA ASP A 169 -3.03 -4.96 -0.68
C ASP A 169 -2.00 -5.86 -0.02
N ASN A 170 -2.20 -7.16 -0.20
CA ASN A 170 -1.34 -8.19 0.36
C ASN A 170 -0.93 -9.19 -0.71
N SER A 171 -0.08 -10.14 -0.34
CA SER A 171 0.38 -11.14 -1.29
C SER A 171 0.33 -12.54 -0.71
N GLY A 172 0.72 -13.52 -1.54
CA GLY A 172 0.75 -14.90 -1.10
C GLY A 172 -0.50 -15.44 -0.42
N GLU A 173 -0.28 -16.21 0.64
CA GLU A 173 -1.37 -16.81 1.41
C GLU A 173 -2.28 -15.79 2.06
N TYR A 174 -1.73 -14.62 2.39
CA TYR A 174 -2.51 -13.56 3.01
C TYR A 174 -3.52 -13.01 2.02
N LEU A 175 -3.09 -12.85 0.77
CA LEU A 175 -3.96 -12.36 -0.29
C LEU A 175 -5.04 -13.42 -0.58
N ASN A 176 -4.61 -14.68 -0.64
CA ASN A 176 -5.52 -15.78 -0.91
C ASN A 176 -6.64 -15.81 0.14
N LEU A 177 -6.25 -15.66 1.40
CA LEU A 177 -7.20 -15.67 2.51
C LEU A 177 -8.18 -14.51 2.41
N ALA A 178 -7.68 -13.32 2.09
CA ALA A 178 -8.52 -12.14 1.99
C ALA A 178 -9.60 -12.37 0.92
N VAL A 179 -9.20 -12.95 -0.21
CA VAL A 179 -10.15 -13.21 -1.28
C VAL A 179 -11.19 -14.25 -0.86
N GLU A 180 -10.74 -15.30 -0.18
CA GLU A 180 -11.62 -16.37 0.29
C GLU A 180 -12.60 -15.83 1.32
N MSE A 181 -12.09 -14.95 2.18
CA MSE A 181 -12.87 -14.34 3.24
C MSE A 181 -13.92 -13.40 2.70
O MSE A 181 -15.03 -13.32 3.24
CB MSE A 181 -11.95 -13.55 4.17
CG MSE A 181 -11.25 -14.41 5.19
SE MSE A 181 -12.60 -15.31 6.16
CE MSE A 181 -13.48 -13.77 6.94
N GLY A 182 -13.57 -12.70 1.64
CA GLY A 182 -14.48 -11.74 1.05
C GLY A 182 -14.07 -10.34 1.46
N VAL A 183 -13.43 -9.63 0.54
CA VAL A 183 -13.02 -8.25 0.77
C VAL A 183 -13.56 -7.44 -0.39
N ASP A 184 -13.58 -6.12 -0.25
CA ASP A 184 -14.10 -5.24 -1.28
C ASP A 184 -13.12 -4.84 -2.36
N PHE A 185 -11.85 -4.80 -2.01
CA PHE A 185 -10.81 -4.36 -2.94
C PHE A 185 -9.46 -5.02 -2.75
N ILE A 186 -8.81 -5.39 -3.85
CA ILE A 186 -7.46 -5.95 -3.79
C ILE A 186 -6.73 -5.40 -5.01
N LYS A 187 -5.41 -5.31 -4.92
CA LYS A 187 -4.62 -4.82 -6.05
C LYS A 187 -3.36 -5.62 -6.21
N PRO A 188 -3.48 -6.88 -6.64
CA PRO A 188 -2.23 -7.64 -6.81
C PRO A 188 -1.52 -7.11 -8.06
N ASN A 189 -0.19 -7.08 -8.03
CA ASN A 189 0.52 -6.65 -9.22
C ASN A 189 0.61 -7.87 -10.15
N GLU A 190 1.30 -7.72 -11.27
CA GLU A 190 1.39 -8.81 -12.24
C GLU A 190 1.95 -10.13 -11.71
N ASP A 191 2.86 -10.05 -10.74
CA ASP A 191 3.45 -11.27 -10.17
C ASP A 191 2.60 -11.83 -9.03
N GLU A 192 2.12 -10.94 -8.16
CA GLU A 192 1.31 -11.34 -7.01
C GLU A 192 -0.01 -12.00 -7.38
N VAL A 193 -0.60 -11.57 -8.48
CA VAL A 193 -1.89 -12.12 -8.91
C VAL A 193 -1.83 -13.61 -9.18
N ILE A 194 -0.64 -14.15 -9.45
CA ILE A 194 -0.49 -15.57 -9.72
C ILE A 194 -1.07 -16.42 -8.57
N ALA A 195 -0.84 -15.95 -7.35
CA ALA A 195 -1.32 -16.66 -6.17
C ALA A 195 -2.82 -16.96 -6.18
N ILE A 196 -3.61 -16.12 -6.84
CA ILE A 196 -5.06 -16.32 -6.89
C ILE A 196 -5.59 -16.70 -8.26
N LEU A 197 -4.70 -17.02 -9.18
CA LEU A 197 -5.08 -17.42 -10.54
C LEU A 197 -5.40 -18.90 -10.60
N ASP A 198 -6.28 -19.28 -11.54
CA ASP A 198 -6.61 -20.69 -11.73
C ASP A 198 -5.68 -21.22 -12.81
N GLU A 199 -4.77 -22.11 -12.44
CA GLU A 199 -3.80 -22.68 -13.37
C GLU A 199 -4.42 -23.25 -14.64
N LYS A 200 -5.60 -23.85 -14.51
CA LYS A 200 -6.27 -24.43 -15.66
C LYS A 200 -6.98 -23.42 -16.55
N THR A 201 -6.94 -22.16 -16.14
CA THR A 201 -7.53 -21.09 -16.91
C THR A 201 -6.33 -20.23 -17.35
N ASN A 202 -5.99 -20.34 -18.64
CA ASN A 202 -4.86 -19.61 -19.24
C ASN A 202 -5.02 -18.08 -19.40
N SER A 203 -6.21 -17.64 -19.89
CA SER A 203 -6.51 -16.23 -20.12
C SER A 203 -6.54 -15.38 -18.85
N LEU A 204 -5.75 -14.31 -18.85
CA LEU A 204 -5.69 -13.43 -17.69
C LEU A 204 -7.03 -12.71 -17.57
N GLU A 205 -7.55 -12.25 -18.71
CA GLU A 205 -8.84 -11.55 -18.70
C GLU A 205 -9.93 -12.43 -18.09
N GLU A 206 -9.98 -13.69 -18.54
CA GLU A 206 -10.98 -14.61 -18.05
C GLU A 206 -10.82 -14.84 -16.56
N ASN A 207 -9.57 -15.01 -16.12
CA ASN A 207 -9.28 -15.21 -14.70
C ASN A 207 -9.77 -14.00 -13.93
N ILE A 208 -9.51 -12.80 -14.45
CA ILE A 208 -9.94 -11.58 -13.77
C ILE A 208 -11.46 -11.51 -13.71
N ARG A 209 -12.12 -11.83 -14.82
CA ARG A 209 -13.58 -11.78 -14.84
C ARG A 209 -14.16 -12.80 -13.85
N THR A 210 -13.49 -13.96 -13.71
CA THR A 210 -13.97 -14.99 -12.79
C THR A 210 -13.80 -14.53 -11.34
N LEU A 211 -12.62 -14.01 -11.01
CA LEU A 211 -12.34 -13.52 -9.67
C LEU A 211 -13.23 -12.33 -9.33
N ALA A 212 -13.63 -11.56 -10.34
CA ALA A 212 -14.49 -10.39 -10.14
C ALA A 212 -15.84 -10.76 -9.53
N GLU A 213 -16.19 -12.04 -9.61
CA GLU A 213 -17.45 -12.52 -9.03
C GLU A 213 -17.41 -12.39 -7.52
N LYS A 214 -16.20 -12.48 -6.95
CA LYS A 214 -15.98 -12.43 -5.51
C LYS A 214 -15.40 -11.12 -4.98
N ILE A 215 -14.96 -10.23 -5.89
CA ILE A 215 -14.34 -8.98 -5.45
C ILE A 215 -14.94 -7.78 -6.19
N PRO A 216 -15.65 -6.92 -5.45
CA PRO A 216 -16.31 -5.71 -5.97
C PRO A 216 -15.41 -4.79 -6.79
N TYR A 217 -14.22 -4.51 -6.27
CA TYR A 217 -13.26 -3.64 -6.95
C TYR A 217 -11.98 -4.42 -7.10
N LEU A 218 -11.77 -5.00 -8.28
CA LEU A 218 -10.59 -5.78 -8.53
C LEU A 218 -9.65 -5.07 -9.49
N VAL A 219 -8.43 -4.84 -9.03
CA VAL A 219 -7.42 -4.19 -9.84
C VAL A 219 -6.18 -5.07 -9.93
N VAL A 220 -5.77 -5.40 -11.15
CA VAL A 220 -4.54 -6.16 -11.33
C VAL A 220 -3.60 -5.11 -11.94
N SER A 221 -2.57 -4.72 -11.20
CA SER A 221 -1.66 -3.70 -11.73
C SER A 221 -0.57 -4.34 -12.57
N LEU A 222 -0.24 -3.68 -13.68
CA LEU A 222 0.74 -4.18 -14.63
C LEU A 222 1.94 -3.26 -14.87
N GLY A 223 2.36 -2.57 -13.83
CA GLY A 223 3.51 -1.67 -13.95
C GLY A 223 3.33 -0.59 -15.00
N ALA A 224 4.33 -0.46 -15.87
CA ALA A 224 4.30 0.54 -16.93
C ALA A 224 3.14 0.36 -17.91
N LYS A 225 2.58 -0.83 -17.95
CA LYS A 225 1.47 -1.10 -18.85
C LYS A 225 0.15 -0.54 -18.31
N GLY A 226 0.16 -0.16 -17.03
CA GLY A 226 -1.05 0.38 -16.44
C GLY A 226 -1.71 -0.65 -15.56
N SER A 227 -2.99 -0.93 -15.80
CA SER A 227 -3.71 -1.90 -15.01
C SER A 227 -4.99 -2.34 -15.71
N ILE A 228 -5.64 -3.35 -15.13
CA ILE A 228 -6.92 -3.85 -15.64
C ILE A 228 -7.80 -3.86 -14.39
N CYS A 229 -8.98 -3.26 -14.49
CA CYS A 229 -9.88 -3.19 -13.35
C CYS A 229 -11.25 -3.75 -13.67
N ALA A 230 -11.75 -4.61 -12.79
CA ALA A 230 -13.07 -5.19 -12.96
C ALA A 230 -13.99 -4.59 -11.90
N HIS A 231 -15.14 -4.09 -12.33
CA HIS A 231 -16.12 -3.51 -11.42
C HIS A 231 -17.50 -3.44 -12.05
N ASN A 232 -18.51 -3.86 -11.30
CA ASN A 232 -19.90 -3.84 -11.74
C ASN A 232 -20.11 -4.55 -13.09
N GLY A 233 -19.42 -5.66 -13.27
CA GLY A 233 -19.57 -6.43 -14.50
C GLY A 233 -18.85 -5.88 -15.72
N LYS A 234 -18.06 -4.82 -15.52
CA LYS A 234 -17.31 -4.22 -16.61
C LYS A 234 -15.82 -4.46 -16.39
N LEU A 235 -15.05 -4.44 -17.47
CA LEU A 235 -13.62 -4.64 -17.38
C LEU A 235 -12.95 -3.46 -18.08
N TYR A 236 -12.02 -2.80 -17.37
CA TYR A 236 -11.36 -1.63 -17.92
C TYR A 236 -9.85 -1.83 -18.13
N GLN A 237 -9.36 -1.42 -19.29
CA GLN A 237 -7.93 -1.49 -19.56
C GLN A 237 -7.47 -0.05 -19.33
N VAL A 238 -6.59 0.14 -18.36
CA VAL A 238 -6.11 1.47 -18.01
C VAL A 238 -4.67 1.64 -18.46
N ILE A 239 -4.42 2.66 -19.28
CA ILE A 239 -3.09 2.91 -19.81
C ILE A 239 -2.58 4.28 -19.40
N PRO A 240 -1.41 4.34 -18.74
CA PRO A 240 -0.86 5.62 -18.32
C PRO A 240 -0.10 6.32 -19.43
N PRO A 241 0.12 7.62 -19.29
CA PRO A 241 0.89 8.34 -20.31
C PRO A 241 2.32 7.88 -20.05
N LYS A 242 3.19 8.04 -21.03
CA LYS A 242 4.59 7.64 -20.85
C LYS A 242 5.34 8.68 -20.05
N VAL A 243 6.02 8.24 -19.00
CA VAL A 243 6.80 9.15 -18.17
C VAL A 243 8.21 8.61 -18.00
N GLN A 244 9.12 9.52 -17.67
CA GLN A 244 10.52 9.17 -17.45
C GLN A 244 10.61 8.53 -16.07
N GLU A 245 10.79 7.21 -16.05
CA GLU A 245 10.88 6.46 -14.80
C GLU A 245 12.21 6.69 -14.11
N ARG A 246 12.15 6.85 -12.79
CA ARG A 246 13.36 7.04 -11.98
C ARG A 246 13.39 5.97 -10.89
N ASN A 247 12.23 5.71 -10.29
CA ASN A 247 12.12 4.70 -9.24
C ASN A 247 10.65 4.31 -9.12
N ASP A 248 10.31 3.11 -9.56
CA ASP A 248 8.94 2.65 -9.51
C ASP A 248 8.55 1.99 -8.19
N THR A 249 9.45 2.05 -7.21
CA THR A 249 9.16 1.47 -5.91
C THR A 249 8.11 2.34 -5.26
N GLY A 250 7.05 1.74 -4.74
CA GLY A 250 6.00 2.52 -4.10
C GLY A 250 4.91 2.96 -5.04
N ALA A 251 5.04 2.66 -6.34
CA ALA A 251 4.01 3.06 -7.30
C ALA A 251 2.67 2.44 -6.90
N GLY A 252 2.73 1.20 -6.43
CA GLY A 252 1.52 0.51 -6.02
C GLY A 252 0.86 1.12 -4.80
N ASP A 253 1.66 1.53 -3.82
CA ASP A 253 1.12 2.14 -2.60
C ASP A 253 0.43 3.46 -2.94
N VAL A 254 1.02 4.23 -3.84
CA VAL A 254 0.43 5.49 -4.26
C VAL A 254 -0.87 5.22 -5.02
N PHE A 255 -0.85 4.20 -5.88
CA PHE A 255 -2.05 3.85 -6.63
C PHE A 255 -3.18 3.53 -5.63
N VAL A 256 -2.89 2.67 -4.66
CA VAL A 256 -3.90 2.28 -3.67
C VAL A 256 -4.43 3.47 -2.89
N GLY A 257 -3.55 4.33 -2.40
CA GLY A 257 -3.99 5.50 -1.66
C GLY A 257 -4.88 6.39 -2.51
N ALA A 258 -4.47 6.63 -3.75
CA ALA A 258 -5.26 7.49 -4.65
C ALA A 258 -6.60 6.83 -5.03
N PHE A 259 -6.57 5.52 -5.24
CA PHE A 259 -7.77 4.78 -5.61
C PHE A 259 -8.80 4.88 -4.48
N ILE A 260 -8.33 4.65 -3.26
CA ILE A 260 -9.19 4.71 -2.08
C ILE A 260 -9.75 6.13 -1.90
N ALA A 261 -8.90 7.13 -2.15
CA ALA A 261 -9.31 8.52 -2.03
C ALA A 261 -10.46 8.78 -3.02
N GLY A 262 -10.29 8.26 -4.24
CA GLY A 262 -11.33 8.44 -5.25
C GLY A 262 -12.65 7.85 -4.80
N LEU A 263 -12.60 6.64 -4.24
CA LEU A 263 -13.82 5.97 -3.78
C LEU A 263 -14.44 6.75 -2.63
N ALA A 264 -13.60 7.26 -1.74
CA ALA A 264 -14.07 8.02 -0.60
C ALA A 264 -14.80 9.28 -1.07
N MSE A 265 -14.34 9.85 -2.19
CA MSE A 265 -14.95 11.06 -2.75
C MSE A 265 -16.09 10.77 -3.72
O MSE A 265 -16.59 11.67 -4.42
CB MSE A 265 -13.87 11.90 -3.43
CG MSE A 265 -12.79 12.39 -2.45
SE MSE A 265 -11.47 13.49 -3.28
CE MSE A 265 -12.51 15.11 -3.42
N ASN A 266 -16.50 9.50 -3.77
CA ASN A 266 -17.60 9.07 -4.62
C ASN A 266 -17.38 9.35 -6.10
N MSE A 267 -16.13 9.26 -6.54
CA MSE A 267 -15.81 9.48 -7.94
C MSE A 267 -16.17 8.24 -8.76
O MSE A 267 -15.97 7.12 -8.30
CB MSE A 267 -14.31 9.73 -8.13
CG MSE A 267 -13.82 11.09 -7.71
SE MSE A 267 -11.93 11.21 -8.08
CE MSE A 267 -11.44 12.44 -6.68
N PRO A 268 -16.71 8.44 -9.97
CA PRO A 268 -17.07 7.28 -10.80
C PRO A 268 -15.82 6.43 -10.95
N ILE A 269 -15.98 5.14 -11.16
CA ILE A 269 -14.85 4.24 -11.29
C ILE A 269 -13.81 4.69 -12.33
N THR A 270 -14.23 5.18 -13.50
CA THR A 270 -13.23 5.58 -14.48
C THR A 270 -12.38 6.76 -14.01
N GLU A 271 -13.01 7.73 -13.33
CA GLU A 271 -12.26 8.88 -12.84
C GLU A 271 -11.31 8.44 -11.72
N THR A 272 -11.78 7.54 -10.86
CA THR A 272 -10.95 7.04 -9.76
C THR A 272 -9.71 6.37 -10.34
N LEU A 273 -9.89 5.60 -11.40
CA LEU A 273 -8.77 4.92 -12.06
C LEU A 273 -7.82 5.92 -12.68
N LYS A 274 -8.34 6.99 -13.26
CA LYS A 274 -7.47 8.00 -13.87
C LYS A 274 -6.65 8.70 -12.79
N VAL A 275 -7.30 9.02 -11.67
CA VAL A 275 -6.61 9.67 -10.57
C VAL A 275 -5.51 8.78 -10.00
N ALA A 276 -5.83 7.50 -9.78
CA ALA A 276 -4.85 6.56 -9.25
C ALA A 276 -3.66 6.40 -10.19
N THR A 277 -3.95 6.33 -11.48
CA THR A 277 -2.91 6.16 -12.47
C THR A 277 -2.05 7.42 -12.58
N GLY A 278 -2.68 8.59 -12.53
CA GLY A 278 -1.94 9.84 -12.61
C GLY A 278 -0.97 9.99 -11.44
N CYS A 279 -1.45 9.66 -10.24
CA CYS A 279 -0.63 9.78 -9.04
C CYS A 279 0.53 8.80 -9.05
N SER A 280 0.26 7.55 -9.42
CA SER A 280 1.33 6.55 -9.46
C SER A 280 2.33 6.87 -10.57
N ALA A 281 1.87 7.47 -11.67
CA ALA A 281 2.79 7.82 -12.74
C ALA A 281 3.75 8.90 -12.21
N SER A 282 3.21 9.85 -11.45
CA SER A 282 4.04 10.91 -10.88
C SER A 282 5.05 10.30 -9.89
N LYS A 283 4.61 9.29 -9.14
CA LYS A 283 5.50 8.65 -8.18
C LYS A 283 6.74 8.04 -8.85
N VAL A 284 6.52 7.35 -9.96
CA VAL A 284 7.61 6.69 -10.68
C VAL A 284 8.64 7.68 -11.20
N MSE A 285 8.26 8.94 -11.30
CA MSE A 285 9.16 9.98 -11.77
C MSE A 285 10.08 10.49 -10.66
O MSE A 285 11.02 11.24 -10.94
CB MSE A 285 8.35 11.15 -12.34
CG MSE A 285 7.61 10.81 -13.62
SE MSE A 285 6.47 12.26 -14.17
CE MSE A 285 7.84 13.59 -14.52
N GLN A 286 9.80 10.09 -9.43
CA GLN A 286 10.58 10.52 -8.27
C GLN A 286 11.70 9.56 -7.86
N GLN A 287 12.66 10.08 -7.09
CA GLN A 287 13.78 9.28 -6.62
C GLN A 287 13.46 8.28 -5.50
N ASP A 288 12.80 8.77 -4.45
CA ASP A 288 12.48 7.90 -3.31
C ASP A 288 11.43 6.84 -3.62
N SER A 289 10.90 6.22 -2.57
CA SER A 289 9.92 5.16 -2.74
C SER A 289 8.50 5.48 -2.27
N SER A 290 8.14 6.75 -2.17
CA SER A 290 6.80 7.09 -1.72
C SER A 290 6.24 8.44 -2.18
N SER A 291 7.12 9.41 -2.41
CA SER A 291 6.69 10.75 -2.82
C SER A 291 6.14 10.85 -4.24
N PHE A 292 5.28 11.83 -4.45
CA PHE A 292 4.73 12.11 -5.77
C PHE A 292 4.26 13.56 -5.79
N ASP A 293 4.19 14.13 -6.97
CA ASP A 293 3.78 15.52 -7.12
C ASP A 293 2.30 15.61 -7.40
N LEU A 294 1.56 16.22 -6.49
CA LEU A 294 0.12 16.38 -6.64
C LEU A 294 -0.20 17.21 -7.87
N GLU A 295 0.67 18.17 -8.18
CA GLU A 295 0.50 19.04 -9.34
C GLU A 295 0.66 18.26 -10.64
N ALA A 296 1.75 17.53 -10.76
CA ALA A 296 2.01 16.73 -11.95
C ALA A 296 0.91 15.68 -12.12
N ALA A 297 0.49 15.07 -11.02
CA ALA A 297 -0.54 14.03 -11.06
C ALA A 297 -1.89 14.54 -11.59
N GLY A 298 -2.30 15.72 -11.14
CA GLY A 298 -3.56 16.28 -11.59
C GLY A 298 -3.59 16.50 -13.10
N LYS A 299 -2.41 16.65 -13.69
CA LYS A 299 -2.30 16.85 -15.13
C LYS A 299 -2.18 15.49 -15.81
N LEU A 300 -1.36 14.62 -15.24
CA LEU A 300 -1.16 13.29 -15.80
C LEU A 300 -2.48 12.53 -15.84
N LYS A 301 -3.33 12.75 -14.85
CA LYS A 301 -4.63 12.08 -14.79
C LYS A 301 -5.42 12.32 -16.08
N ASN A 302 -5.23 13.50 -16.68
CA ASN A 302 -5.94 13.87 -17.90
C ASN A 302 -5.37 13.24 -19.16
N GLN A 303 -4.28 12.48 -19.02
CA GLN A 303 -3.64 11.86 -20.16
C GLN A 303 -3.62 10.35 -20.01
N VAL A 304 -4.57 9.85 -19.22
CA VAL A 304 -4.71 8.42 -18.99
C VAL A 304 -5.84 7.93 -19.87
N SER A 305 -5.57 6.86 -20.61
CA SER A 305 -6.59 6.28 -21.48
C SER A 305 -7.28 5.13 -20.76
N ILE A 306 -8.60 5.06 -20.89
CA ILE A 306 -9.36 3.98 -20.29
C ILE A 306 -10.32 3.46 -21.34
N ILE A 307 -10.20 2.17 -21.62
CA ILE A 307 -11.03 1.52 -22.60
C ILE A 307 -11.72 0.32 -21.97
N GLN A 308 -13.01 0.20 -22.21
CA GLN A 308 -13.77 -0.91 -21.68
C GLN A 308 -13.51 -2.11 -22.59
N LEU A 309 -13.19 -3.25 -21.99
CA LEU A 309 -12.92 -4.47 -22.74
C LEU A 309 -14.23 -5.25 -22.83
N GLU A 310 -14.70 -5.49 -24.06
CA GLU A 310 -15.95 -6.21 -24.27
C GLU A 310 -15.78 -7.72 -24.21
PG ATP B . 4.79 -1.39 -5.06
O1G ATP B . 4.59 -2.72 -4.41
O2G ATP B . 4.22 -0.25 -4.23
O3G ATP B . 6.26 -1.14 -5.39
PB ATP B . 3.42 -2.74 -7.29
O1B ATP B . 4.57 -3.49 -7.93
O2B ATP B . 2.46 -3.42 -6.40
O3B ATP B . 3.93 -1.47 -6.42
PA ATP B . 2.90 -1.90 -10.07
O1A ATP B . 4.38 -1.84 -10.32
O2A ATP B . 2.07 -2.93 -10.76
O3A ATP B . 2.61 -1.97 -8.45
O5' ATP B . 1.92 -0.35 -9.99
C5' ATP B . 1.33 0.81 -9.51
C4' ATP B . 0.66 1.51 -10.65
O4' ATP B . 1.63 2.53 -10.85
C3' ATP B . 0.64 0.86 -12.07
O3' ATP B . -0.54 0.11 -12.32
C2' ATP B . 0.79 2.04 -12.94
O2' ATP B . -0.45 2.73 -13.15
C1' ATP B . 1.77 2.91 -12.21
N9 ATP B . 3.14 2.63 -12.77
C8 ATP B . 4.10 1.75 -12.37
N7 ATP B . 5.21 1.82 -13.15
C5 ATP B . 4.97 2.78 -14.08
C6 ATP B . 5.70 3.40 -15.22
N6 ATP B . 6.94 2.98 -15.52
N1 ATP B . 5.07 4.40 -15.93
C2 ATP B . 3.81 4.85 -15.66
N3 ATP B . 3.09 4.34 -14.62
C4 ATP B . 3.61 3.32 -13.82
MG MG C . 6.06 -3.00 -9.40
MG MG D . 2.53 -3.65 -4.33
MG MG E . 4.81 -3.62 5.11
C1 GOL F . 7.69 -0.97 2.50
O1 GOL F . 6.82 -1.23 3.60
C2 GOL F . 8.47 0.32 2.78
O2 GOL F . 9.23 0.16 3.98
C3 GOL F . 9.40 0.63 1.60
O3 GOL F . 10.12 1.82 1.84
#